data_4NK9
#
_entry.id   4NK9
#
_cell.length_a   210.340
_cell.length_b   55.970
_cell.length_c   65.720
_cell.angle_alpha   90.00
_cell.angle_beta   107.43
_cell.angle_gamma   90.00
#
_symmetry.space_group_name_H-M   'C 1 2 1'
#
loop_
_entity.id
_entity.type
_entity.pdbx_description
1 polymer 'FIBROBLAST GROWTH FACTOR RECEPTOR 1'
2 non-polymer 1,2-ETHANEDIOL
3 non-polymer 'SULFATE ION'
4 non-polymer N~4~-{5-[2-(3,5-dimethoxyphenyl)ethyl]-1H-pyrazol-3-yl}-N~2~-[(3-methyl-1,2-oxazol-5-yl)methyl]pyrimidine-2,4-diamine
5 water water
#
_entity_poly.entity_id   1
_entity_poly.type   'polypeptide(L)'
_entity_poly.pdbx_seq_one_letter_code
;GAGVSEYELPEDPRWELPRDRLVLGKPLGEGAFGQVVLAEAIGLDKDKPNRVTKVAVKMLKSDATEKDLSDLISEMEMMK
MIGKHKNIINLLGACTQDGPLYVIVEYASKGNLREYLQARRPPGLEYSYNPSHNPEEQLSSKDLVSCAYQVARGMEYLAS
KKCIHRDLAARNVLVTEDNVMKIADFGLARDIHHIDYYKKTTNGRLPVKWMAPEALFDRIYTHQSDVWSFGVLLWEIFTL
GGSPYPGVPVEELFKLLKEGHRMDKPSNCTNELYMMMRDCWHAVPSQRPTFKQLVEDLDRIVALTSNQE
;
_entity_poly.pdbx_strand_id   A,B
#
loop_
_chem_comp.id
_chem_comp.type
_chem_comp.name
_chem_comp.formula
2K5 non-polymer N~4~-{5-[2-(3,5-dimethoxyphenyl)ethyl]-1H-pyrazol-3-yl}-N~2~-[(3-methyl-1,2-oxazol-5-yl)methyl]pyrimidine-2,4-diamine 'C22 H25 N7 O3'
EDO non-polymer 1,2-ETHANEDIOL 'C2 H6 O2'
SO4 non-polymer 'SULFATE ION' 'O4 S -2'
#
# COMPACT_ATOMS: atom_id res chain seq x y z
N GLU A 8 22.92 -33.79 -33.08
CA GLU A 8 21.98 -34.81 -32.64
C GLU A 8 21.86 -34.82 -31.12
N LEU A 9 20.65 -35.20 -30.64
CA LEU A 9 20.36 -35.34 -29.22
C LEU A 9 20.25 -36.83 -28.91
N PRO A 10 20.63 -37.30 -27.70
CA PRO A 10 20.47 -38.73 -27.40
C PRO A 10 19.00 -39.10 -27.22
N GLU A 11 18.65 -40.37 -27.51
CA GLU A 11 17.26 -40.84 -27.36
C GLU A 11 16.99 -41.46 -25.99
N ASP A 12 15.81 -41.14 -25.41
CA ASP A 12 15.30 -41.66 -24.14
C ASP A 12 13.91 -42.27 -24.43
N PRO A 13 13.81 -43.61 -24.60
CA PRO A 13 12.52 -44.22 -24.93
C PRO A 13 11.45 -44.20 -23.85
N ARG A 14 11.81 -43.91 -22.59
CA ARG A 14 10.85 -43.79 -21.47
C ARG A 14 9.90 -42.59 -21.74
N TRP A 15 10.43 -41.54 -22.42
CA TRP A 15 9.73 -40.28 -22.69
C TRP A 15 9.39 -39.98 -24.13
N GLU A 16 10.22 -40.43 -25.10
CA GLU A 16 10.11 -40.17 -26.53
C GLU A 16 8.75 -40.43 -27.14
N LEU A 17 8.28 -39.46 -27.97
CA LEU A 17 7.03 -39.56 -28.71
C LEU A 17 7.27 -39.37 -30.21
N PRO A 18 6.65 -40.21 -31.07
CA PRO A 18 6.79 -39.99 -32.51
C PRO A 18 6.13 -38.66 -32.89
N ARG A 19 6.79 -37.85 -33.75
CA ARG A 19 6.30 -36.52 -34.16
C ARG A 19 4.90 -36.53 -34.77
N ASP A 20 4.52 -37.60 -35.48
CA ASP A 20 3.20 -37.78 -36.10
C ASP A 20 2.06 -37.92 -35.08
N ARG A 21 2.41 -38.11 -33.78
CA ARG A 21 1.50 -38.22 -32.63
C ARG A 21 1.33 -36.88 -31.89
N LEU A 22 1.81 -35.77 -32.48
CA LEU A 22 1.73 -34.41 -31.91
C LEU A 22 1.27 -33.40 -32.97
N VAL A 23 0.09 -32.81 -32.74
CA VAL A 23 -0.51 -31.83 -33.65
C VAL A 23 -0.46 -30.49 -32.97
N LEU A 24 0.40 -29.62 -33.48
CA LEU A 24 0.61 -28.29 -32.88
C LEU A 24 -0.56 -27.35 -33.18
N GLY A 25 -0.92 -26.55 -32.18
CA GLY A 25 -2.00 -25.57 -32.23
C GLY A 25 -1.56 -24.15 -31.92
N LYS A 26 -2.51 -23.33 -31.43
CA LYS A 26 -2.27 -21.92 -31.14
C LYS A 26 -1.20 -21.68 -30.04
N PRO A 27 -0.29 -20.69 -30.22
CA PRO A 27 0.72 -20.42 -29.19
C PRO A 27 0.10 -19.83 -27.91
N LEU A 28 0.62 -20.24 -26.76
CA LEU A 28 0.14 -19.80 -25.45
C LEU A 28 0.88 -18.55 -24.92
N GLY A 29 2.11 -18.35 -25.41
CA GLY A 29 2.97 -17.24 -25.05
C GLY A 29 4.40 -17.66 -24.81
N GLU A 30 5.26 -16.68 -24.47
CA GLU A 30 6.67 -16.88 -24.17
C GLU A 30 6.85 -17.50 -22.77
N GLY A 31 7.64 -18.57 -22.69
CA GLY A 31 7.98 -19.26 -21.45
C GLY A 31 9.43 -19.10 -21.08
N ALA A 32 9.91 -19.88 -20.10
CA ALA A 32 11.33 -19.83 -19.73
C ALA A 32 12.16 -20.72 -20.66
N PHE A 33 13.30 -20.17 -21.16
CA PHE A 33 14.26 -20.80 -22.07
C PHE A 33 13.71 -21.04 -23.50
N GLY A 34 12.49 -20.58 -23.79
CA GLY A 34 11.84 -20.73 -25.10
C GLY A 34 10.39 -20.26 -25.13
N GLN A 35 9.63 -20.67 -26.21
CA GLN A 35 8.21 -20.33 -26.42
C GLN A 35 7.30 -21.55 -26.22
N VAL A 36 6.06 -21.33 -25.76
CA VAL A 36 5.05 -22.34 -25.44
C VAL A 36 3.83 -22.27 -26.37
N VAL A 37 3.45 -23.43 -26.94
CA VAL A 37 2.29 -23.59 -27.83
C VAL A 37 1.33 -24.67 -27.33
N LEU A 38 0.02 -24.54 -27.67
CA LEU A 38 -0.99 -25.52 -27.31
C LEU A 38 -0.87 -26.67 -28.33
N ALA A 39 -1.08 -27.91 -27.88
CA ALA A 39 -0.95 -29.05 -28.77
C ALA A 39 -1.88 -30.20 -28.40
N GLU A 40 -1.98 -31.17 -29.31
CA GLU A 40 -2.75 -32.39 -29.10
C GLU A 40 -1.86 -33.58 -29.34
N ALA A 41 -1.73 -34.44 -28.32
CA ALA A 41 -0.92 -35.65 -28.38
C ALA A 41 -1.82 -36.88 -28.53
N ILE A 42 -1.63 -37.63 -29.63
CA ILE A 42 -2.39 -38.84 -29.91
C ILE A 42 -1.77 -40.04 -29.16
N GLY A 43 -2.55 -40.59 -28.24
CA GLY A 43 -2.22 -41.74 -27.41
C GLY A 43 -0.97 -41.62 -26.59
N LEU A 44 -1.03 -40.87 -25.47
CA LEU A 44 0.14 -40.69 -24.59
C LEU A 44 0.50 -41.92 -23.77
N ASP A 45 -0.52 -42.65 -23.26
CA ASP A 45 -0.38 -43.89 -22.47
C ASP A 45 -0.49 -45.13 -23.36
N ASP A 47 -2.15 -47.98 -23.06
CA ASP A 47 -3.48 -47.68 -23.60
C ASP A 47 -4.14 -46.45 -22.94
N LYS A 48 -4.93 -45.63 -23.67
CA LYS A 48 -5.31 -45.81 -25.07
C LYS A 48 -4.30 -45.21 -26.05
N PRO A 49 -3.94 -45.90 -27.17
CA PRO A 49 -3.10 -45.26 -28.18
C PRO A 49 -3.94 -44.41 -29.15
N ASN A 50 -5.31 -44.37 -28.96
CA ASN A 50 -6.26 -43.67 -29.82
C ASN A 50 -6.92 -42.45 -29.15
N ARG A 51 -6.55 -42.16 -27.91
CA ARG A 51 -7.10 -41.03 -27.14
C ARG A 51 -6.26 -39.76 -27.35
N VAL A 52 -6.89 -38.56 -27.55
CA VAL A 52 -6.10 -37.33 -27.64
C VAL A 52 -6.04 -36.63 -26.28
N THR A 53 -4.84 -36.14 -25.92
CA THR A 53 -4.62 -35.38 -24.69
C THR A 53 -4.18 -33.97 -25.09
N LYS A 54 -4.87 -32.93 -24.58
CA LYS A 54 -4.51 -31.54 -24.87
C LYS A 54 -3.31 -31.21 -23.96
N VAL A 55 -2.16 -30.88 -24.57
CA VAL A 55 -0.88 -30.64 -23.89
C VAL A 55 -0.25 -29.27 -24.22
N ALA A 56 0.81 -28.93 -23.50
CA ALA A 56 1.60 -27.73 -23.71
C ALA A 56 2.97 -28.16 -24.23
N VAL A 57 3.48 -27.48 -25.26
CA VAL A 57 4.76 -27.80 -25.88
C VAL A 57 5.69 -26.59 -25.86
N LYS A 58 6.89 -26.77 -25.30
CA LYS A 58 7.96 -25.79 -25.24
C LYS A 58 9.04 -26.20 -26.23
N MET A 59 9.46 -25.24 -27.05
CA MET A 59 10.50 -25.36 -28.06
C MET A 59 11.27 -24.02 -28.04
N LEU A 60 12.39 -23.94 -28.76
CA LEU A 60 13.21 -22.72 -28.84
C LEU A 60 12.64 -21.74 -29.87
N LYS A 61 12.98 -20.44 -29.72
CA LYS A 61 12.58 -19.40 -30.68
C LYS A 61 13.62 -19.45 -31.83
N SER A 62 13.32 -18.83 -32.99
CA SER A 62 14.25 -18.84 -34.15
C SER A 62 15.63 -18.18 -33.85
N ASP A 63 15.64 -17.18 -32.93
CA ASP A 63 16.83 -16.43 -32.55
C ASP A 63 17.67 -17.10 -31.45
N ALA A 64 17.25 -18.29 -30.96
CA ALA A 64 17.92 -19.03 -29.89
C ALA A 64 19.32 -19.51 -30.25
N THR A 65 20.19 -19.59 -29.22
CA THR A 65 21.60 -19.97 -29.28
C THR A 65 21.81 -21.38 -28.73
N GLU A 66 23.03 -21.95 -28.94
CA GLU A 66 23.43 -23.27 -28.41
C GLU A 66 23.26 -23.31 -26.88
N LYS A 67 23.40 -22.13 -26.24
CA LYS A 67 23.21 -21.92 -24.81
C LYS A 67 21.73 -22.05 -24.45
N ASP A 68 20.83 -21.48 -25.29
CA ASP A 68 19.38 -21.57 -25.04
C ASP A 68 18.89 -23.01 -25.18
N LEU A 69 19.51 -23.79 -26.09
CA LEU A 69 19.18 -25.20 -26.28
C LEU A 69 19.57 -25.98 -25.02
N SER A 70 20.83 -25.85 -24.58
CA SER A 70 21.34 -26.54 -23.39
C SER A 70 20.44 -26.31 -22.18
N ASP A 71 19.93 -25.07 -22.00
CA ASP A 71 19.01 -24.69 -20.93
C ASP A 71 17.70 -25.49 -21.00
N LEU A 72 17.08 -25.59 -22.22
CA LEU A 72 15.85 -26.34 -22.45
C LEU A 72 16.02 -27.83 -22.17
N ILE A 73 17.14 -28.43 -22.63
CA ILE A 73 17.45 -29.84 -22.39
C ILE A 73 17.57 -30.05 -20.86
N SER A 74 18.36 -29.18 -20.20
CA SER A 74 18.60 -29.21 -18.77
C SER A 74 17.32 -29.21 -17.95
N GLU A 75 16.33 -28.36 -18.33
CA GLU A 75 15.02 -28.25 -17.67
C GLU A 75 14.24 -29.56 -17.80
N MET A 76 14.28 -30.18 -19.01
CA MET A 76 13.64 -31.45 -19.31
C MET A 76 14.28 -32.57 -18.50
N GLU A 77 15.62 -32.61 -18.50
CA GLU A 77 16.45 -33.56 -17.75
C GLU A 77 16.18 -33.49 -16.26
N MET A 78 15.97 -32.28 -15.74
CA MET A 78 15.65 -32.05 -14.34
C MET A 78 14.26 -32.57 -14.01
N MET A 79 13.28 -32.31 -14.89
CA MET A 79 11.89 -32.78 -14.70
C MET A 79 11.81 -34.28 -14.64
N LYS A 80 12.69 -34.98 -15.39
CA LYS A 80 12.83 -36.44 -15.37
C LYS A 80 13.22 -36.91 -13.95
N MET A 81 14.16 -36.19 -13.31
CA MET A 81 14.68 -36.51 -11.98
C MET A 81 13.68 -36.21 -10.87
N ILE A 82 13.09 -34.99 -10.89
CA ILE A 82 12.16 -34.43 -9.90
C ILE A 82 10.93 -35.33 -9.68
N GLY A 83 10.42 -35.97 -10.72
CA GLY A 83 9.27 -36.85 -10.56
C GLY A 83 7.96 -36.09 -10.54
N LYS A 84 6.84 -36.85 -10.50
CA LYS A 84 5.48 -36.32 -10.56
C LYS A 84 4.87 -35.88 -9.22
N HIS A 85 4.06 -34.82 -9.29
CA HIS A 85 3.24 -34.27 -8.22
C HIS A 85 2.06 -33.52 -8.86
N LYS A 86 0.91 -33.46 -8.17
CA LYS A 86 -0.30 -32.78 -8.65
C LYS A 86 -0.08 -31.25 -8.74
N ASN A 87 0.70 -30.66 -7.81
CA ASN A 87 0.85 -29.21 -7.77
C ASN A 87 2.17 -28.67 -8.38
N ILE A 88 2.66 -29.35 -9.45
CA ILE A 88 3.80 -28.93 -10.27
C ILE A 88 3.44 -29.23 -11.73
N ILE A 89 4.04 -28.51 -12.71
CA ILE A 89 3.80 -28.79 -14.14
C ILE A 89 4.71 -29.99 -14.41
N ASN A 90 4.10 -31.15 -14.72
CA ASN A 90 4.81 -32.40 -14.99
C ASN A 90 5.15 -32.61 -16.46
N LEU A 91 6.20 -33.40 -16.68
CA LEU A 91 6.69 -33.78 -17.98
C LEU A 91 5.81 -34.93 -18.51
N LEU A 92 5.40 -34.86 -19.78
CA LEU A 92 4.59 -35.90 -20.38
C LEU A 92 5.31 -36.69 -21.46
N GLY A 93 6.30 -36.06 -22.08
CA GLY A 93 7.08 -36.67 -23.15
C GLY A 93 7.94 -35.69 -23.91
N ALA A 94 8.55 -36.15 -25.03
CA ALA A 94 9.44 -35.34 -25.86
C ALA A 94 9.68 -35.88 -27.25
N CYS A 95 9.91 -34.94 -28.20
CA CYS A 95 10.32 -35.23 -29.57
C CYS A 95 11.71 -34.62 -29.60
N THR A 96 12.73 -35.49 -29.58
CA THR A 96 14.16 -35.11 -29.49
C THR A 96 14.90 -35.47 -30.78
N GLN A 97 14.33 -36.44 -31.52
CA GLN A 97 14.91 -36.99 -32.74
C GLN A 97 14.31 -36.40 -33.98
N ASP A 98 15.11 -36.42 -35.06
CA ASP A 98 14.75 -36.04 -36.42
C ASP A 98 13.96 -34.72 -36.51
N GLY A 99 14.51 -33.69 -35.87
CA GLY A 99 13.89 -32.37 -35.88
C GLY A 99 14.10 -31.61 -34.59
N PRO A 100 13.49 -30.38 -34.48
CA PRO A 100 13.66 -29.56 -33.27
C PRO A 100 13.09 -30.16 -32.00
N LEU A 101 13.72 -29.87 -30.86
CA LEU A 101 13.31 -30.35 -29.54
C LEU A 101 11.96 -29.76 -29.12
N TYR A 102 11.01 -30.67 -28.83
CA TYR A 102 9.69 -30.37 -28.32
C TYR A 102 9.61 -31.03 -26.94
N VAL A 103 9.47 -30.22 -25.88
CA VAL A 103 9.35 -30.72 -24.50
C VAL A 103 7.87 -30.69 -24.18
N ILE A 104 7.26 -31.89 -24.12
CA ILE A 104 5.82 -32.02 -23.88
C ILE A 104 5.52 -32.05 -22.40
N VAL A 105 4.71 -31.07 -21.95
CA VAL A 105 4.30 -30.91 -20.55
C VAL A 105 2.77 -30.78 -20.38
N GLU A 106 2.31 -30.76 -19.09
CA GLU A 106 0.90 -30.61 -18.73
C GLU A 106 0.39 -29.22 -19.16
N TYR A 107 -0.88 -29.14 -19.58
CA TYR A 107 -1.49 -27.90 -20.04
C TYR A 107 -2.46 -27.36 -19.00
N ALA A 108 -2.32 -26.05 -18.68
CA ALA A 108 -3.10 -25.29 -17.72
C ALA A 108 -3.80 -24.18 -18.49
N SER A 109 -5.11 -24.38 -18.69
CA SER A 109 -5.98 -23.55 -19.51
C SER A 109 -6.37 -22.20 -18.90
N LYS A 110 -6.32 -22.04 -17.59
CA LYS A 110 -6.77 -20.80 -16.96
C LYS A 110 -5.62 -19.78 -16.70
N GLY A 111 -4.49 -19.98 -17.37
CA GLY A 111 -3.31 -19.11 -17.30
C GLY A 111 -2.58 -19.09 -15.98
N ASN A 112 -1.86 -17.98 -15.69
CA ASN A 112 -1.12 -17.84 -14.44
C ASN A 112 -2.03 -17.37 -13.30
N LEU A 113 -1.62 -17.63 -12.07
CA LEU A 113 -2.40 -17.26 -10.89
C LEU A 113 -2.68 -15.74 -10.77
N ARG A 114 -1.77 -14.90 -11.27
CA ARG A 114 -1.99 -13.44 -11.21
C ARG A 114 -3.22 -13.07 -12.03
N GLU A 115 -3.23 -13.50 -13.30
CA GLU A 115 -4.30 -13.25 -14.28
C GLU A 115 -5.62 -13.86 -13.81
N TYR A 116 -5.57 -15.10 -13.33
CA TYR A 116 -6.72 -15.85 -12.82
C TYR A 116 -7.38 -15.08 -11.68
N LEU A 117 -6.58 -14.70 -10.65
CA LEU A 117 -7.06 -13.92 -9.50
C LEU A 117 -7.61 -12.57 -9.91
N GLN A 118 -6.98 -11.93 -10.92
CA GLN A 118 -7.43 -10.61 -11.44
C GLN A 118 -8.76 -10.70 -12.14
N ALA A 119 -8.90 -11.71 -13.05
CA ALA A 119 -10.13 -12.00 -13.81
C ALA A 119 -11.34 -12.36 -12.93
N ARG A 120 -11.10 -12.79 -11.68
CA ARG A 120 -12.11 -13.21 -10.69
C ARG A 120 -12.30 -12.22 -9.53
N ARG A 121 -11.93 -10.94 -9.77
CA ARG A 121 -12.11 -9.85 -8.81
C ARG A 121 -13.58 -9.39 -8.84
N PRO A 122 -14.16 -8.96 -7.69
CA PRO A 122 -15.58 -8.53 -7.69
C PRO A 122 -15.81 -7.24 -8.47
N PRO A 123 -17.06 -6.93 -8.88
CA PRO A 123 -17.29 -5.67 -9.61
C PRO A 123 -17.36 -4.47 -8.68
N GLU A 137 -16.16 -15.08 -12.59
CA GLU A 137 -16.64 -15.97 -11.52
C GLU A 137 -15.97 -15.60 -10.19
N GLN A 138 -16.64 -15.79 -9.04
CA GLN A 138 -16.04 -15.34 -7.76
C GLN A 138 -15.43 -16.48 -6.92
N LEU A 139 -14.35 -16.16 -6.18
CA LEU A 139 -13.64 -17.10 -5.29
C LEU A 139 -13.92 -16.72 -3.84
N SER A 140 -14.30 -17.70 -3.02
CA SER A 140 -14.57 -17.53 -1.59
C SER A 140 -13.26 -17.55 -0.82
N SER A 141 -13.29 -17.12 0.47
CA SER A 141 -12.14 -17.13 1.34
C SER A 141 -11.48 -18.52 1.38
N LYS A 142 -12.29 -19.60 1.50
CA LYS A 142 -11.81 -20.99 1.47
C LYS A 142 -11.06 -21.30 0.16
N ASP A 143 -11.55 -20.80 -1.00
CA ASP A 143 -10.90 -21.00 -2.30
C ASP A 143 -9.49 -20.38 -2.32
N LEU A 144 -9.34 -19.16 -1.72
CA LEU A 144 -8.07 -18.42 -1.67
C LEU A 144 -7.03 -19.12 -0.81
N VAL A 145 -7.47 -19.66 0.35
CA VAL A 145 -6.62 -20.41 1.28
C VAL A 145 -6.18 -21.71 0.59
N SER A 146 -7.11 -22.35 -0.16
CA SER A 146 -6.85 -23.55 -0.95
C SER A 146 -5.78 -23.32 -2.02
N CYS A 147 -5.72 -22.10 -2.61
CA CYS A 147 -4.68 -21.73 -3.57
C CYS A 147 -3.28 -21.75 -2.90
N ALA A 148 -3.17 -21.10 -1.73
CA ALA A 148 -1.97 -21.03 -0.89
C ALA A 148 -1.50 -22.44 -0.50
N TYR A 149 -2.46 -23.30 -0.09
CA TYR A 149 -2.21 -24.69 0.31
C TYR A 149 -1.52 -25.46 -0.81
N GLN A 150 -2.10 -25.42 -2.02
CA GLN A 150 -1.59 -26.12 -3.19
C GLN A 150 -0.17 -25.69 -3.56
N VAL A 151 0.11 -24.37 -3.61
CA VAL A 151 1.43 -23.85 -3.93
C VAL A 151 2.43 -24.35 -2.91
N ALA A 152 2.07 -24.33 -1.61
CA ALA A 152 2.93 -24.81 -0.53
C ALA A 152 3.16 -26.31 -0.65
N ARG A 153 2.13 -27.09 -1.04
CA ARG A 153 2.24 -28.55 -1.28
C ARG A 153 3.25 -28.82 -2.42
N GLY A 154 3.16 -28.03 -3.49
CA GLY A 154 4.03 -28.10 -4.64
C GLY A 154 5.49 -27.77 -4.32
N MET A 155 5.70 -26.71 -3.52
CA MET A 155 7.03 -26.24 -3.06
C MET A 155 7.65 -27.22 -2.10
N GLU A 156 6.83 -27.76 -1.17
CA GLU A 156 7.28 -28.81 -0.23
C GLU A 156 7.76 -30.05 -1.03
N TYR A 157 7.07 -30.44 -2.12
CA TYR A 157 7.53 -31.57 -2.93
C TYR A 157 8.90 -31.28 -3.56
N LEU A 158 9.03 -30.08 -4.17
CA LEU A 158 10.26 -29.61 -4.83
C LEU A 158 11.44 -29.55 -3.86
N ALA A 159 11.18 -29.08 -2.63
CA ALA A 159 12.16 -29.01 -1.54
C ALA A 159 12.65 -30.41 -1.17
N SER A 160 11.73 -31.41 -1.07
CA SER A 160 12.10 -32.82 -0.80
C SER A 160 13.00 -33.40 -1.93
N LYS A 161 12.88 -32.88 -3.15
CA LYS A 161 13.69 -33.27 -4.29
C LYS A 161 14.99 -32.43 -4.38
N LYS A 162 15.29 -31.64 -3.34
CA LYS A 162 16.47 -30.77 -3.21
C LYS A 162 16.53 -29.69 -4.31
N CYS A 163 15.34 -29.15 -4.63
CA CYS A 163 15.15 -28.14 -5.65
C CYS A 163 14.70 -26.78 -5.06
N ILE A 164 15.42 -25.69 -5.43
CA ILE A 164 15.18 -24.29 -5.04
C ILE A 164 14.68 -23.52 -6.30
N HIS A 165 13.40 -23.10 -6.31
CA HIS A 165 12.74 -22.39 -7.44
C HIS A 165 13.44 -21.09 -7.91
N ARG A 166 13.79 -20.18 -6.98
CA ARG A 166 14.48 -18.88 -7.20
C ARG A 166 13.57 -17.73 -7.75
N ASP A 167 12.33 -18.04 -8.24
CA ASP A 167 11.40 -17.03 -8.75
C ASP A 167 9.93 -17.39 -8.50
N LEU A 168 9.62 -17.86 -7.26
CA LEU A 168 8.28 -18.20 -6.84
C LEU A 168 7.47 -16.94 -6.77
N ALA A 169 6.45 -16.84 -7.66
CA ALA A 169 5.55 -15.68 -7.78
C ALA A 169 4.28 -16.21 -8.39
N ALA A 170 3.17 -15.43 -8.34
CA ALA A 170 1.90 -15.85 -8.95
C ALA A 170 2.03 -16.09 -10.44
N ARG A 171 2.92 -15.32 -11.11
CA ARG A 171 3.19 -15.44 -12.54
C ARG A 171 3.74 -16.80 -12.92
N ASN A 172 4.43 -17.50 -11.98
CA ASN A 172 5.05 -18.81 -12.21
C ASN A 172 4.26 -19.97 -11.55
N VAL A 173 2.96 -19.77 -11.41
CA VAL A 173 1.99 -20.74 -10.88
C VAL A 173 0.88 -20.73 -11.93
N LEU A 174 0.67 -21.86 -12.59
CA LEU A 174 -0.33 -21.98 -13.65
C LEU A 174 -1.56 -22.72 -13.13
N VAL A 175 -2.76 -22.26 -13.51
CA VAL A 175 -4.02 -22.85 -13.07
C VAL A 175 -4.65 -23.67 -14.18
N THR A 176 -4.98 -24.96 -13.90
CA THR A 176 -5.61 -25.87 -14.87
C THR A 176 -7.10 -25.62 -14.92
N GLU A 177 -7.78 -26.37 -15.79
CA GLU A 177 -9.22 -26.32 -16.01
C GLU A 177 -10.01 -26.64 -14.72
N ASP A 178 -9.48 -27.54 -13.86
CA ASP A 178 -10.12 -27.97 -12.62
C ASP A 178 -9.64 -27.18 -11.37
N ASN A 179 -9.11 -25.95 -11.62
CA ASN A 179 -8.62 -24.97 -10.63
C ASN A 179 -7.49 -25.50 -9.73
N VAL A 180 -6.69 -26.41 -10.28
CA VAL A 180 -5.54 -27.00 -9.61
C VAL A 180 -4.37 -26.09 -9.91
N MET A 181 -3.60 -25.78 -8.86
CA MET A 181 -2.40 -24.94 -8.92
C MET A 181 -1.24 -25.81 -9.33
N LYS A 182 -0.45 -25.35 -10.30
CA LYS A 182 0.73 -26.08 -10.77
C LYS A 182 1.92 -25.11 -10.87
N ILE A 183 2.97 -25.37 -10.08
CA ILE A 183 4.20 -24.55 -10.05
C ILE A 183 4.99 -24.78 -11.34
N ALA A 184 5.34 -23.69 -12.03
CA ALA A 184 6.07 -23.73 -13.28
C ALA A 184 7.51 -23.21 -13.14
N ASP A 185 8.40 -23.63 -14.05
CA ASP A 185 9.81 -23.24 -14.23
C ASP A 185 10.61 -23.05 -12.93
N PHE A 186 11.00 -24.17 -12.31
CA PHE A 186 11.79 -24.28 -11.07
C PHE A 186 13.25 -24.63 -11.37
N GLY A 187 14.16 -24.23 -10.47
CA GLY A 187 15.60 -24.50 -10.54
C GLY A 187 16.31 -24.03 -11.80
N ILE A 195 20.73 -12.25 -12.89
CA ILE A 195 19.51 -11.53 -13.18
C ILE A 195 19.66 -10.06 -12.83
N ASP A 196 19.38 -9.13 -13.79
CA ASP A 196 19.47 -7.68 -13.55
C ASP A 196 18.27 -7.21 -12.74
N TYR A 197 18.55 -6.39 -11.72
CA TYR A 197 17.57 -5.84 -10.79
C TYR A 197 16.59 -4.85 -11.44
N TYR A 198 17.05 -4.13 -12.48
CA TYR A 198 16.29 -3.13 -13.23
C TYR A 198 15.55 -3.71 -14.47
N LYS A 199 15.40 -5.05 -14.52
CA LYS A 199 14.70 -5.76 -15.59
C LYS A 199 13.27 -6.07 -15.12
N LYS A 200 12.27 -5.56 -15.86
CA LYS A 200 10.85 -5.73 -15.55
C LYS A 200 10.22 -6.90 -16.32
N THR A 201 9.02 -7.36 -15.87
CA THR A 201 8.28 -8.48 -16.49
C THR A 201 7.45 -8.01 -17.70
N THR A 202 6.62 -8.91 -18.27
CA THR A 202 5.75 -8.55 -19.40
C THR A 202 4.64 -7.57 -18.92
N ASN A 203 4.15 -7.80 -17.68
CA ASN A 203 3.11 -6.97 -17.05
C ASN A 203 3.68 -5.67 -16.41
N GLY A 204 5.00 -5.50 -16.49
CA GLY A 204 5.68 -4.32 -15.97
C GLY A 204 5.98 -4.31 -14.48
N ARG A 205 6.13 -5.50 -13.87
CA ARG A 205 6.45 -5.63 -12.44
C ARG A 205 7.94 -5.95 -12.23
N LEU A 206 8.51 -5.57 -11.06
CA LEU A 206 9.92 -5.82 -10.76
C LEU A 206 10.15 -7.09 -9.92
N PRO A 207 10.77 -8.16 -10.50
CA PRO A 207 10.97 -9.43 -9.77
C PRO A 207 11.75 -9.36 -8.44
N VAL A 208 12.54 -8.27 -8.19
CA VAL A 208 13.30 -8.05 -6.94
C VAL A 208 12.38 -7.96 -5.72
N LYS A 209 11.12 -7.58 -5.98
CA LYS A 209 10.06 -7.39 -5.00
C LYS A 209 9.57 -8.72 -4.40
N TRP A 210 10.08 -9.85 -4.90
CA TRP A 210 9.71 -11.18 -4.42
C TRP A 210 10.89 -11.86 -3.69
N MET A 211 12.12 -11.27 -3.80
CA MET A 211 13.39 -11.77 -3.27
C MET A 211 13.64 -11.55 -1.81
N ALA A 212 14.13 -12.60 -1.14
CA ALA A 212 14.56 -12.53 0.25
C ALA A 212 15.78 -11.60 0.29
N PRO A 213 16.01 -10.83 1.38
CA PRO A 213 17.13 -9.87 1.35
C PRO A 213 18.49 -10.53 1.16
N GLU A 214 18.69 -11.71 1.76
CA GLU A 214 19.96 -12.41 1.68
C GLU A 214 20.26 -12.87 0.23
N ALA A 215 19.22 -13.21 -0.55
CA ALA A 215 19.34 -13.58 -1.97
C ALA A 215 19.70 -12.35 -2.80
N LEU A 216 19.11 -11.19 -2.44
CA LEU A 216 19.25 -9.91 -3.13
C LEU A 216 20.57 -9.20 -2.83
N PHE A 217 21.00 -9.18 -1.56
CA PHE A 217 22.21 -8.48 -1.13
C PHE A 217 23.43 -9.39 -1.10
N ASP A 218 23.26 -10.66 -0.66
CA ASP A 218 24.33 -11.62 -0.50
C ASP A 218 24.30 -12.78 -1.52
N ARG A 219 23.30 -12.80 -2.43
CA ARG A 219 23.11 -13.83 -3.47
C ARG A 219 23.01 -15.28 -2.89
N ILE A 220 22.54 -15.41 -1.62
CA ILE A 220 22.32 -16.69 -0.94
C ILE A 220 20.90 -17.16 -1.19
N TYR A 221 20.77 -18.17 -2.07
CA TYR A 221 19.53 -18.79 -2.47
C TYR A 221 19.38 -20.13 -1.74
N THR A 222 18.36 -20.25 -0.90
CA THR A 222 18.04 -21.45 -0.11
C THR A 222 16.56 -21.73 -0.19
N HIS A 223 16.06 -22.78 0.51
CA HIS A 223 14.65 -23.12 0.57
C HIS A 223 13.93 -22.04 1.37
N GLN A 224 14.68 -21.43 2.31
CA GLN A 224 14.30 -20.31 3.21
C GLN A 224 14.12 -18.95 2.49
N SER A 225 14.81 -18.73 1.34
CA SER A 225 14.66 -17.55 0.50
C SER A 225 13.43 -17.71 -0.43
N ASP A 226 13.02 -18.99 -0.67
CA ASP A 226 11.82 -19.34 -1.45
C ASP A 226 10.62 -19.13 -0.53
N VAL A 227 10.77 -19.42 0.79
CA VAL A 227 9.72 -19.22 1.81
C VAL A 227 9.39 -17.72 1.91
N TRP A 228 10.42 -16.86 1.82
CA TRP A 228 10.22 -15.41 1.76
C TRP A 228 9.33 -15.07 0.55
N SER A 229 9.61 -15.65 -0.64
CA SER A 229 8.88 -15.45 -1.91
C SER A 229 7.44 -15.98 -1.84
N PHE A 230 7.21 -17.05 -1.05
CA PHE A 230 5.87 -17.60 -0.79
C PHE A 230 5.06 -16.58 0.04
N GLY A 231 5.75 -15.79 0.86
CA GLY A 231 5.13 -14.74 1.65
C GLY A 231 4.60 -13.67 0.75
N VAL A 232 5.36 -13.30 -0.31
CA VAL A 232 4.95 -12.29 -1.29
C VAL A 232 3.80 -12.83 -2.14
N LEU A 233 3.86 -14.14 -2.49
CA LEU A 233 2.82 -14.86 -3.26
C LEU A 233 1.49 -14.87 -2.47
N LEU A 234 1.54 -15.11 -1.13
CA LEU A 234 0.37 -15.07 -0.23
C LEU A 234 -0.28 -13.70 -0.32
N TRP A 235 0.54 -12.63 -0.20
CA TRP A 235 0.06 -11.25 -0.33
C TRP A 235 -0.65 -11.08 -1.72
N GLU A 236 0.01 -11.53 -2.80
CA GLU A 236 -0.54 -11.53 -4.16
C GLU A 236 -1.96 -12.19 -4.20
N ILE A 237 -2.14 -13.37 -3.53
CA ILE A 237 -3.41 -14.14 -3.45
C ILE A 237 -4.53 -13.37 -2.72
N PHE A 238 -4.26 -12.87 -1.52
CA PHE A 238 -5.27 -12.18 -0.70
C PHE A 238 -5.56 -10.74 -1.16
N THR A 239 -4.78 -10.21 -2.11
CA THR A 239 -5.02 -8.90 -2.75
C THR A 239 -5.64 -9.15 -4.13
N LEU A 240 -5.93 -10.44 -4.45
CA LEU A 240 -6.53 -10.92 -5.70
C LEU A 240 -5.72 -10.48 -6.94
N GLY A 241 -4.41 -10.69 -6.87
CA GLY A 241 -3.48 -10.35 -7.93
C GLY A 241 -2.92 -8.93 -7.84
N GLY A 242 -2.83 -8.43 -6.62
CA GLY A 242 -2.26 -7.12 -6.38
C GLY A 242 -0.77 -7.06 -6.67
N SER A 243 -0.32 -5.91 -7.18
CA SER A 243 1.08 -5.62 -7.52
C SER A 243 1.85 -5.26 -6.23
N PRO A 244 2.92 -5.99 -5.82
CA PRO A 244 3.62 -5.66 -4.56
C PRO A 244 4.43 -4.37 -4.64
N TYR A 245 4.33 -3.50 -3.62
CA TYR A 245 4.98 -2.19 -3.56
C TYR A 245 4.74 -1.37 -4.85
N PRO A 246 3.51 -0.91 -5.14
CA PRO A 246 3.29 -0.17 -6.39
C PRO A 246 3.91 1.23 -6.35
N GLY A 247 4.57 1.58 -7.44
CA GLY A 247 5.26 2.85 -7.61
C GLY A 247 6.61 2.93 -6.92
N VAL A 248 7.04 1.82 -6.28
CA VAL A 248 8.33 1.76 -5.55
C VAL A 248 9.48 1.34 -6.48
N PRO A 249 10.47 2.21 -6.77
CA PRO A 249 11.61 1.77 -7.60
C PRO A 249 12.60 0.93 -6.78
N VAL A 250 13.53 0.27 -7.50
CA VAL A 250 14.55 -0.66 -6.98
C VAL A 250 15.37 -0.05 -5.80
N GLU A 251 16.04 1.10 -6.02
CA GLU A 251 16.86 1.74 -5.01
C GLU A 251 16.06 2.03 -3.72
N GLU A 252 14.76 2.34 -3.90
CA GLU A 252 13.82 2.59 -2.79
C GLU A 252 13.40 1.28 -2.10
N LEU A 253 13.32 0.15 -2.85
CA LEU A 253 12.96 -1.14 -2.27
C LEU A 253 14.04 -1.61 -1.30
N PHE A 254 15.33 -1.42 -1.68
CA PHE A 254 16.49 -1.75 -0.85
C PHE A 254 16.38 -1.02 0.48
N LYS A 255 16.05 0.30 0.42
CA LYS A 255 15.86 1.21 1.56
C LYS A 255 14.75 0.69 2.48
N LEU A 256 13.67 0.14 1.91
CA LEU A 256 12.55 -0.42 2.67
C LEU A 256 12.99 -1.69 3.41
N LEU A 257 13.69 -2.59 2.71
CA LEU A 257 14.21 -3.85 3.26
C LEU A 257 15.23 -3.61 4.35
N LYS A 258 16.16 -2.68 4.11
CA LYS A 258 17.21 -2.31 5.07
C LYS A 258 16.59 -1.70 6.34
N GLU A 259 15.52 -0.90 6.18
CA GLU A 259 14.76 -0.31 7.30
C GLU A 259 13.88 -1.37 7.98
N GLY A 260 13.76 -2.55 7.37
CA GLY A 260 12.96 -3.65 7.88
C GLY A 260 11.48 -3.45 7.72
N HIS A 261 11.07 -2.75 6.64
CA HIS A 261 9.67 -2.47 6.32
C HIS A 261 9.05 -3.74 5.77
N ARG A 262 7.76 -3.92 6.05
CA ARG A 262 6.97 -5.06 5.62
C ARG A 262 5.65 -4.52 5.05
N MET A 263 5.15 -5.18 4.00
CA MET A 263 3.91 -4.82 3.31
C MET A 263 2.74 -4.83 4.25
N ASP A 264 1.83 -3.89 4.03
CA ASP A 264 0.61 -3.69 4.82
C ASP A 264 -0.30 -4.92 4.69
N LYS A 265 -1.05 -5.24 5.77
CA LYS A 265 -1.98 -6.37 5.79
C LYS A 265 -3.04 -6.11 4.73
N PRO A 266 -3.31 -7.07 3.84
CA PRO A 266 -4.35 -6.82 2.82
C PRO A 266 -5.72 -6.75 3.47
N SER A 267 -6.66 -6.10 2.80
CA SER A 267 -8.03 -6.06 3.31
C SER A 267 -8.61 -7.43 2.88
N ASN A 268 -9.48 -8.01 3.74
CA ASN A 268 -10.08 -9.34 3.51
C ASN A 268 -8.95 -10.41 3.54
N CYS A 269 -8.27 -10.48 4.70
CA CYS A 269 -7.16 -11.37 5.04
C CYS A 269 -7.08 -11.42 6.56
N THR A 270 -7.27 -12.61 7.16
CA THR A 270 -7.26 -12.83 8.61
C THR A 270 -5.95 -12.40 9.28
N ASN A 271 -5.96 -12.27 10.61
CA ASN A 271 -4.74 -11.94 11.33
C ASN A 271 -3.80 -13.12 11.40
N GLU A 272 -4.35 -14.37 11.33
CA GLU A 272 -3.59 -15.60 11.33
C GLU A 272 -2.83 -15.71 9.99
N LEU A 273 -3.49 -15.33 8.87
CA LEU A 273 -2.87 -15.38 7.54
C LEU A 273 -1.83 -14.28 7.34
N TYR A 274 -2.02 -13.11 8.01
CA TYR A 274 -1.04 -12.01 7.92
C TYR A 274 0.19 -12.36 8.75
N MET A 275 -0.03 -12.94 9.95
CA MET A 275 0.96 -13.46 10.89
C MET A 275 1.86 -14.43 10.07
N MET A 276 1.25 -15.32 9.29
CA MET A 276 1.93 -16.31 8.43
C MET A 276 2.85 -15.63 7.39
N MET A 277 2.38 -14.53 6.75
CA MET A 277 3.12 -13.75 5.74
C MET A 277 4.32 -13.14 6.41
N ARG A 278 4.09 -12.57 7.59
CA ARG A 278 5.13 -11.94 8.40
C ARG A 278 6.17 -12.95 8.85
N ASP A 279 5.77 -14.22 9.15
CA ASP A 279 6.70 -15.29 9.54
C ASP A 279 7.64 -15.64 8.38
N CYS A 280 7.06 -15.71 7.17
CA CYS A 280 7.75 -15.96 5.90
C CYS A 280 8.78 -14.87 5.62
N TRP A 281 8.47 -13.64 6.05
CA TRP A 281 9.38 -12.49 5.92
C TRP A 281 10.19 -12.25 7.23
N HIS A 282 10.55 -13.33 7.98
CA HIS A 282 11.34 -13.14 9.19
C HIS A 282 12.72 -12.75 8.72
N ALA A 283 13.24 -11.66 9.27
CA ALA A 283 14.56 -11.11 8.96
C ALA A 283 15.66 -12.18 8.97
N VAL A 284 15.63 -13.04 10.01
CA VAL A 284 16.55 -14.19 10.20
C VAL A 284 16.02 -15.38 9.39
N PRO A 285 16.72 -15.78 8.30
CA PRO A 285 16.25 -16.93 7.48
C PRO A 285 15.94 -18.24 8.21
N SER A 286 16.73 -18.60 9.24
CA SER A 286 16.53 -19.82 10.03
C SER A 286 15.24 -19.82 10.86
N GLN A 287 14.67 -18.61 11.14
CA GLN A 287 13.47 -18.42 11.93
C GLN A 287 12.18 -18.38 11.10
N ARG A 288 12.31 -18.54 9.77
CA ARG A 288 11.14 -18.56 8.88
C ARG A 288 10.49 -19.95 8.95
N PRO A 289 9.16 -20.12 8.67
CA PRO A 289 8.59 -21.48 8.66
C PRO A 289 9.11 -22.25 7.45
N THR A 290 9.11 -23.59 7.49
CA THR A 290 9.53 -24.36 6.33
C THR A 290 8.27 -24.62 5.51
N PHE A 291 8.41 -25.21 4.31
CA PHE A 291 7.22 -25.52 3.51
C PHE A 291 6.37 -26.63 4.16
N LYS A 292 7.02 -27.64 4.82
CA LYS A 292 6.32 -28.70 5.57
C LYS A 292 5.40 -28.10 6.66
N GLN A 293 5.87 -27.03 7.40
CA GLN A 293 5.09 -26.31 8.43
C GLN A 293 3.94 -25.54 7.80
N LEU A 294 4.24 -24.83 6.69
CA LEU A 294 3.25 -24.07 5.92
C LEU A 294 2.12 -24.97 5.40
N VAL A 295 2.45 -26.16 4.87
CA VAL A 295 1.48 -27.17 4.39
C VAL A 295 0.58 -27.60 5.57
N GLU A 296 1.18 -27.88 6.75
CA GLU A 296 0.46 -28.28 7.96
C GLU A 296 -0.56 -27.24 8.43
N ASP A 297 -0.11 -25.96 8.56
CA ASP A 297 -0.94 -24.84 9.00
C ASP A 297 -2.03 -24.51 7.99
N LEU A 298 -1.68 -24.52 6.68
CA LEU A 298 -2.62 -24.20 5.61
C LEU A 298 -3.72 -25.24 5.49
N ASP A 299 -3.40 -26.54 5.72
CA ASP A 299 -4.33 -27.67 5.75
C ASP A 299 -5.41 -27.45 6.82
N ARG A 300 -4.99 -27.00 8.00
CA ARG A 300 -5.80 -26.73 9.18
C ARG A 300 -6.73 -25.52 8.97
N ILE A 301 -6.19 -24.43 8.36
CA ILE A 301 -6.90 -23.18 8.11
C ILE A 301 -7.95 -23.39 7.04
N VAL A 302 -7.63 -24.16 5.95
CA VAL A 302 -8.63 -24.46 4.90
C VAL A 302 -9.89 -24.99 5.56
N ALA A 303 -9.74 -26.11 6.30
CA ALA A 303 -10.76 -26.82 7.06
C ALA A 303 -11.62 -25.92 7.97
N LEU A 304 -11.02 -24.85 8.53
CA LEU A 304 -11.68 -23.90 9.42
C LEU A 304 -12.17 -22.64 8.70
N THR A 305 -11.88 -22.51 7.38
CA THR A 305 -12.32 -21.34 6.60
C THR A 305 -13.65 -21.63 5.91
N SER A 306 -14.63 -20.76 6.13
CA SER A 306 -15.98 -20.86 5.55
C SER A 306 -15.97 -20.60 4.04
N ASN A 307 -16.81 -21.34 3.31
CA ASN A 307 -17.01 -21.18 1.87
C ASN A 307 -18.28 -20.32 1.61
N GLN A 308 -18.92 -19.84 2.71
CA GLN A 308 -20.13 -19.01 2.71
C GLN A 308 -19.84 -17.54 2.35
N GLU A 309 -18.55 -17.14 2.41
CA GLU A 309 -18.03 -15.82 2.04
C GLU A 309 -16.49 -15.88 1.83
N VAL B 4 4.80 50.00 6.13
CA VAL B 4 4.36 50.70 7.34
C VAL B 4 4.70 49.89 8.60
N SER B 5 4.36 48.58 8.59
CA SER B 5 4.59 47.58 9.65
C SER B 5 6.07 47.37 10.05
N GLU B 6 7.01 48.09 9.36
CA GLU B 6 8.45 48.00 9.61
C GLU B 6 8.83 48.62 10.95
N TYR B 7 8.16 49.75 11.32
CA TYR B 7 8.38 50.49 12.58
C TYR B 7 7.25 50.34 13.56
N GLU B 8 6.03 50.11 13.07
CA GLU B 8 4.82 49.96 13.90
C GLU B 8 3.74 49.19 13.18
N LEU B 9 2.97 48.42 13.94
CA LEU B 9 1.81 47.65 13.49
C LEU B 9 0.55 48.38 13.94
N PRO B 10 -0.57 48.32 13.19
CA PRO B 10 -1.79 48.98 13.68
C PRO B 10 -2.39 48.26 14.89
N GLU B 11 -3.10 49.01 15.77
CA GLU B 11 -3.71 48.43 16.95
C GLU B 11 -5.17 48.00 16.71
N ASP B 12 -5.57 46.88 17.33
CA ASP B 12 -6.93 46.37 17.36
C ASP B 12 -7.29 46.08 18.84
N PRO B 13 -8.00 47.01 19.52
CA PRO B 13 -8.30 46.82 20.95
C PRO B 13 -9.28 45.70 21.30
N ARG B 14 -10.02 45.15 20.31
CA ARG B 14 -10.92 44.00 20.51
C ARG B 14 -10.10 42.76 20.91
N TRP B 15 -8.85 42.67 20.43
CA TRP B 15 -7.96 41.52 20.60
C TRP B 15 -6.73 41.76 21.46
N GLU B 16 -6.16 42.98 21.41
CA GLU B 16 -4.93 43.40 22.09
C GLU B 16 -4.84 43.04 23.58
N LEU B 17 -3.66 42.49 23.98
CA LEU B 17 -3.36 42.11 25.36
C LEU B 17 -2.07 42.78 25.84
N PRO B 18 -2.06 43.31 27.08
CA PRO B 18 -0.81 43.88 27.62
C PRO B 18 0.23 42.76 27.77
N ARG B 19 1.49 43.02 27.35
CA ARG B 19 2.58 42.06 27.39
C ARG B 19 2.87 41.45 28.78
N ASP B 20 2.65 42.23 29.85
CA ASP B 20 2.81 41.81 31.24
C ASP B 20 1.78 40.75 31.68
N ARG B 21 0.74 40.50 30.84
CA ARG B 21 -0.32 39.50 31.04
C ARG B 21 -0.03 38.19 30.27
N LEU B 22 1.21 38.02 29.76
CA LEU B 22 1.65 36.85 29.01
C LEU B 22 3.03 36.38 29.46
N VAL B 23 3.10 35.16 30.03
CA VAL B 23 4.34 34.56 30.55
C VAL B 23 4.70 33.42 29.63
N LEU B 24 5.76 33.61 28.86
CA LEU B 24 6.18 32.60 27.89
C LEU B 24 6.87 31.41 28.57
N GLY B 25 6.61 30.21 28.04
CA GLY B 25 7.12 28.93 28.52
C GLY B 25 7.88 28.15 27.46
N LYS B 26 7.92 26.82 27.63
CA LYS B 26 8.65 25.91 26.73
C LYS B 26 8.12 25.93 25.26
N PRO B 27 9.02 25.94 24.25
CA PRO B 27 8.56 25.93 22.86
C PRO B 27 7.89 24.60 22.48
N LEU B 28 6.84 24.67 21.66
CA LEU B 28 6.08 23.51 21.21
C LEU B 28 6.58 22.95 19.87
N GLY B 29 7.25 23.78 19.10
CA GLY B 29 7.81 23.44 17.80
C GLY B 29 7.61 24.52 16.76
N GLU B 30 8.15 24.30 15.56
CA GLU B 30 8.05 25.21 14.44
C GLU B 30 6.63 25.07 13.78
N GLY B 31 5.99 26.21 13.57
CA GLY B 31 4.68 26.29 12.94
C GLY B 31 4.74 26.95 11.58
N ALA B 32 3.57 27.30 11.02
CA ALA B 32 3.52 27.99 9.74
C ALA B 32 3.72 29.51 9.93
N PHE B 33 4.61 30.10 9.11
CA PHE B 33 4.99 31.53 9.09
C PHE B 33 5.80 32.00 10.31
N GLY B 34 6.12 31.07 11.23
CA GLY B 34 6.92 31.31 12.43
C GLY B 34 7.05 30.10 13.35
N GLN B 35 7.44 30.35 14.62
CA GLN B 35 7.59 29.33 15.67
C GLN B 35 6.49 29.47 16.79
N VAL B 36 6.16 28.34 17.44
CA VAL B 36 5.12 28.20 18.45
C VAL B 36 5.69 27.81 19.82
N VAL B 37 5.31 28.57 20.86
CA VAL B 37 5.71 28.34 22.26
C VAL B 37 4.49 28.23 23.19
N LEU B 38 4.65 27.47 24.30
CA LEU B 38 3.61 27.33 25.31
C LEU B 38 3.64 28.60 26.18
N ALA B 39 2.47 29.08 26.61
CA ALA B 39 2.42 30.29 27.41
C ALA B 39 1.28 30.29 28.39
N GLU B 40 1.32 31.26 29.31
CA GLU B 40 0.29 31.48 30.30
C GLU B 40 -0.19 32.91 30.20
N ALA B 41 -1.49 33.08 29.95
CA ALA B 41 -2.13 34.38 29.81
C ALA B 41 -2.92 34.70 31.08
N ILE B 42 -2.58 35.81 31.75
CA ILE B 42 -3.27 36.25 32.97
C ILE B 42 -4.52 37.05 32.61
N GLY B 43 -5.68 36.48 32.95
CA GLY B 43 -7.00 37.04 32.75
C GLY B 43 -7.35 37.37 31.32
N LEU B 44 -7.66 36.35 30.49
CA LEU B 44 -8.03 36.55 29.08
C LEU B 44 -9.45 37.12 28.93
N ASP B 45 -10.41 36.62 29.73
CA ASP B 45 -11.81 37.04 29.76
C ASP B 45 -12.07 38.04 30.90
N LYS B 46 -13.28 38.02 31.53
CA LYS B 46 -13.72 38.86 32.68
C LYS B 46 -15.18 38.61 33.04
N PRO B 49 -10.00 37.25 34.61
CA PRO B 49 -9.73 38.50 35.36
C PRO B 49 -8.39 38.42 36.10
N ASN B 50 -8.24 37.39 36.93
CA ASN B 50 -7.06 37.02 37.74
C ASN B 50 -6.70 35.52 37.50
N ARG B 51 -7.42 34.88 36.56
CA ARG B 51 -7.26 33.47 36.21
C ARG B 51 -6.21 33.27 35.10
N VAL B 52 -5.35 32.22 35.23
CA VAL B 52 -4.39 31.95 34.16
C VAL B 52 -4.93 30.90 33.18
N THR B 53 -4.75 31.16 31.89
CA THR B 53 -5.17 30.24 30.84
C THR B 53 -3.90 29.78 30.10
N LYS B 54 -3.71 28.45 29.97
CA LYS B 54 -2.55 27.90 29.25
C LYS B 54 -2.88 28.04 27.76
N VAL B 55 -2.05 28.81 27.03
CA VAL B 55 -2.25 29.15 25.62
C VAL B 55 -1.03 28.83 24.75
N ALA B 56 -1.22 28.94 23.43
CA ALA B 56 -0.18 28.74 22.43
C ALA B 56 0.12 30.11 21.81
N VAL B 57 1.41 30.44 21.64
CA VAL B 57 1.85 31.72 21.10
C VAL B 57 2.75 31.50 19.89
N LYS B 58 2.37 32.10 18.75
CA LYS B 58 3.10 32.10 17.51
C LYS B 58 3.72 33.49 17.32
N MET B 59 5.01 33.50 17.02
CA MET B 59 5.83 34.68 16.77
C MET B 59 6.79 34.31 15.65
N LEU B 60 7.53 35.28 15.13
CA LEU B 60 8.52 35.10 14.08
C LEU B 60 9.84 34.60 14.63
N LYS B 61 10.68 33.94 13.80
CA LYS B 61 12.03 33.53 14.21
C LYS B 61 12.94 34.79 14.06
N SER B 62 14.15 34.83 14.69
CA SER B 62 15.02 36.03 14.62
C SER B 62 15.47 36.39 13.16
N ASP B 63 15.54 35.38 12.28
CA ASP B 63 15.97 35.53 10.88
C ASP B 63 14.86 35.90 9.93
N ALA B 64 13.60 36.09 10.45
CA ALA B 64 12.42 36.43 9.65
C ALA B 64 12.52 37.81 9.00
N THR B 65 11.85 37.94 7.83
CA THR B 65 11.83 39.12 6.96
C THR B 65 10.51 39.85 7.07
N GLU B 66 10.43 41.08 6.48
CA GLU B 66 9.22 41.90 6.43
C GLU B 66 8.07 41.11 5.79
N LYS B 67 8.42 40.19 4.87
CA LYS B 67 7.50 39.29 4.18
C LYS B 67 6.97 38.25 5.16
N ASP B 68 7.84 37.69 6.04
CA ASP B 68 7.40 36.70 7.03
C ASP B 68 6.46 37.33 8.06
N LEU B 69 6.67 38.63 8.38
CA LEU B 69 5.80 39.37 9.31
C LEU B 69 4.43 39.52 8.67
N SER B 70 4.39 40.03 7.41
CA SER B 70 3.21 40.21 6.59
C SER B 70 2.30 38.97 6.61
N ASP B 71 2.92 37.79 6.47
CA ASP B 71 2.28 36.46 6.47
C ASP B 71 1.59 36.14 7.80
N LEU B 72 2.32 36.38 8.93
CA LEU B 72 1.81 36.18 10.28
C LEU B 72 0.64 37.11 10.61
N ILE B 73 0.73 38.40 10.20
CA ILE B 73 -0.35 39.37 10.41
C ILE B 73 -1.58 38.86 9.62
N SER B 74 -1.36 38.52 8.34
CA SER B 74 -2.39 38.01 7.44
C SER B 74 -3.18 36.83 8.04
N GLU B 75 -2.46 35.86 8.68
CA GLU B 75 -3.05 34.68 9.30
C GLU B 75 -3.93 35.08 10.48
N MET B 76 -3.45 36.05 11.30
CA MET B 76 -4.17 36.61 12.45
C MET B 76 -5.42 37.34 11.99
N GLU B 77 -5.27 38.20 10.95
CA GLU B 77 -6.33 38.97 10.32
C GLU B 77 -7.41 38.07 9.75
N MET B 78 -7.02 36.92 9.19
CA MET B 78 -7.94 35.93 8.66
C MET B 78 -8.71 35.26 9.78
N MET B 79 -8.03 34.91 10.90
CA MET B 79 -8.68 34.27 12.06
C MET B 79 -9.74 35.17 12.68
N LYS B 80 -9.53 36.51 12.61
CA LYS B 80 -10.48 37.51 13.08
C LYS B 80 -11.78 37.40 12.23
N MET B 81 -11.63 37.23 10.89
CA MET B 81 -12.74 37.14 9.94
C MET B 81 -13.49 35.84 10.07
N ILE B 82 -12.75 34.69 10.07
CA ILE B 82 -13.23 33.31 10.10
C ILE B 82 -14.18 33.04 11.29
N GLY B 83 -13.93 33.63 12.45
CA GLY B 83 -14.79 33.42 13.61
C GLY B 83 -14.49 32.10 14.32
N LYS B 84 -15.18 31.86 15.45
CA LYS B 84 -14.99 30.70 16.31
C LYS B 84 -15.77 29.44 15.93
N HIS B 85 -15.15 28.29 16.18
CA HIS B 85 -15.68 26.95 16.03
C HIS B 85 -14.88 26.01 16.94
N LYS B 86 -15.53 24.94 17.44
CA LYS B 86 -14.91 23.96 18.32
C LYS B 86 -13.79 23.16 17.62
N ASN B 87 -13.97 22.87 16.30
CA ASN B 87 -13.02 22.01 15.59
C ASN B 87 -12.01 22.79 14.70
N ILE B 88 -11.59 23.98 15.17
CA ILE B 88 -10.53 24.81 14.58
C ILE B 88 -9.72 25.41 15.73
N ILE B 89 -8.43 25.76 15.50
CA ILE B 89 -7.61 26.47 16.51
C ILE B 89 -8.06 27.90 16.40
N ASN B 90 -8.69 28.44 17.48
CA ASN B 90 -9.23 29.81 17.54
C ASN B 90 -8.24 30.82 18.09
N LEU B 91 -8.43 32.07 17.71
CA LEU B 91 -7.65 33.24 18.12
C LEU B 91 -8.15 33.67 19.50
N LEU B 92 -7.21 33.96 20.43
CA LEU B 92 -7.57 34.41 21.78
C LEU B 92 -7.18 35.87 22.05
N GLY B 93 -6.17 36.34 21.34
CA GLY B 93 -5.66 37.70 21.51
C GLY B 93 -4.34 37.94 20.81
N ALA B 94 -3.73 39.12 21.06
CA ALA B 94 -2.45 39.49 20.44
C ALA B 94 -1.71 40.62 21.14
N CYS B 95 -0.36 40.58 21.06
CA CYS B 95 0.52 41.63 21.50
C CYS B 95 1.12 42.10 20.18
N THR B 96 0.71 43.27 19.70
CA THR B 96 1.10 43.83 18.40
C THR B 96 1.94 45.11 18.56
N GLN B 97 1.79 45.74 19.73
CA GLN B 97 2.44 47.01 20.04
C GLN B 97 3.64 46.82 20.91
N ASP B 98 4.56 47.78 20.80
CA ASP B 98 5.75 47.95 21.61
C ASP B 98 6.54 46.66 21.81
N GLY B 99 6.84 46.02 20.70
CA GLY B 99 7.61 44.77 20.70
C GLY B 99 7.19 43.83 19.62
N PRO B 100 7.81 42.61 19.57
CA PRO B 100 7.46 41.63 18.51
C PRO B 100 6.03 41.10 18.58
N LEU B 101 5.44 40.80 17.41
CA LEU B 101 4.11 40.26 17.28
C LEU B 101 3.97 38.87 17.89
N TYR B 102 3.03 38.75 18.85
CA TYR B 102 2.65 37.51 19.51
C TYR B 102 1.19 37.26 19.17
N VAL B 103 0.91 36.18 18.45
CA VAL B 103 -0.47 35.81 18.05
C VAL B 103 -0.90 34.73 19.04
N ILE B 104 -1.81 35.11 19.97
CA ILE B 104 -2.27 34.22 21.03
C ILE B 104 -3.45 33.39 20.55
N VAL B 105 -3.30 32.05 20.65
CA VAL B 105 -4.27 31.06 20.16
C VAL B 105 -4.51 29.94 21.18
N GLU B 106 -5.53 29.11 20.95
CA GLU B 106 -5.89 27.95 21.79
C GLU B 106 -4.76 26.95 21.86
N TYR B 107 -4.65 26.22 22.96
CA TYR B 107 -3.59 25.22 23.08
C TYR B 107 -4.11 23.75 23.12
N ALA B 108 -3.57 22.91 22.21
CA ALA B 108 -3.85 21.48 22.04
C ALA B 108 -2.67 20.67 22.51
N SER B 109 -2.80 20.10 23.73
CA SER B 109 -1.79 19.35 24.49
C SER B 109 -1.43 17.95 23.98
N LYS B 110 -2.32 17.27 23.22
CA LYS B 110 -2.07 15.90 22.75
C LYS B 110 -1.40 15.82 21.34
N GLY B 111 -0.85 16.96 20.89
CA GLY B 111 -0.09 17.09 19.66
C GLY B 111 -0.91 16.95 18.41
N ASN B 112 -0.29 16.51 17.28
CA ASN B 112 -1.01 16.34 16.02
C ASN B 112 -1.70 14.96 15.94
N LEU B 113 -2.77 14.84 15.13
CA LEU B 113 -3.57 13.60 14.97
C LEU B 113 -2.75 12.37 14.61
N ARG B 114 -1.74 12.51 13.72
CA ARG B 114 -0.84 11.42 13.31
C ARG B 114 -0.08 10.85 14.54
N GLU B 115 0.63 11.70 15.31
CA GLU B 115 1.36 11.30 16.53
C GLU B 115 0.39 10.67 17.54
N TYR B 116 -0.80 11.31 17.72
CA TYR B 116 -1.90 10.90 18.60
C TYR B 116 -2.34 9.46 18.27
N LEU B 117 -2.60 9.20 16.99
CA LEU B 117 -3.02 7.91 16.47
C LEU B 117 -1.92 6.87 16.58
N GLN B 118 -0.65 7.28 16.36
CA GLN B 118 0.52 6.40 16.48
C GLN B 118 0.75 5.93 17.91
N ALA B 119 0.74 6.88 18.86
CA ALA B 119 0.90 6.65 20.30
C ALA B 119 -0.19 5.73 20.90
N ARG B 120 -1.36 5.62 20.22
CA ARG B 120 -2.52 4.84 20.66
C ARG B 120 -2.75 3.56 19.82
N ARG B 121 -1.69 3.06 19.17
CA ARG B 121 -1.72 1.82 18.39
C ARG B 121 -1.60 0.60 19.35
N PRO B 122 -2.29 -0.53 19.04
CA PRO B 122 -2.17 -1.71 19.93
C PRO B 122 -0.78 -2.37 19.86
N PRO B 123 -0.39 -3.22 20.83
CA PRO B 123 0.93 -3.87 20.73
C PRO B 123 0.92 -5.07 19.79
N GLN B 138 -6.22 3.02 24.28
CA GLN B 138 -6.71 2.50 23.00
C GLN B 138 -7.97 3.20 22.54
N LEU B 139 -8.14 3.35 21.19
CA LEU B 139 -9.29 4.00 20.56
C LEU B 139 -10.18 2.97 19.89
N SER B 140 -11.49 3.04 20.17
CA SER B 140 -12.50 2.15 19.58
C SER B 140 -12.85 2.64 18.18
N SER B 141 -13.54 1.79 17.38
CA SER B 141 -14.00 2.13 16.04
C SER B 141 -14.81 3.44 16.06
N LYS B 142 -15.74 3.59 17.06
CA LYS B 142 -16.53 4.81 17.23
C LYS B 142 -15.64 6.04 17.46
N ASP B 143 -14.53 5.90 18.22
CA ASP B 143 -13.58 7.01 18.46
C ASP B 143 -12.93 7.48 17.16
N LEU B 144 -12.55 6.52 16.27
CA LEU B 144 -11.91 6.82 14.98
C LEU B 144 -12.84 7.54 14.02
N VAL B 145 -14.13 7.11 13.96
CA VAL B 145 -15.17 7.73 13.13
C VAL B 145 -15.45 9.14 13.66
N SER B 146 -15.44 9.30 15.01
CA SER B 146 -15.61 10.59 15.68
C SER B 146 -14.49 11.56 15.31
N CYS B 147 -13.25 11.06 15.08
CA CYS B 147 -12.12 11.89 14.64
C CYS B 147 -12.42 12.48 13.26
N ALA B 148 -12.83 11.63 12.31
CA ALA B 148 -13.20 11.98 10.95
C ALA B 148 -14.35 13.02 10.95
N TYR B 149 -15.38 12.78 11.80
CA TYR B 149 -16.54 13.66 11.95
C TYR B 149 -16.11 15.08 12.32
N GLN B 150 -15.27 15.21 13.37
CA GLN B 150 -14.78 16.49 13.85
C GLN B 150 -14.00 17.26 12.79
N VAL B 151 -13.05 16.60 12.10
CA VAL B 151 -12.26 17.23 11.05
C VAL B 151 -13.17 17.75 9.96
N ALA B 152 -14.17 16.94 9.55
CA ALA B 152 -15.17 17.32 8.52
C ALA B 152 -16.03 18.49 9.00
N ARG B 153 -16.42 18.51 10.30
CA ARG B 153 -17.17 19.62 10.91
C ARG B 153 -16.36 20.91 10.85
N GLY B 154 -15.06 20.81 11.17
CA GLY B 154 -14.10 21.92 11.12
C GLY B 154 -13.89 22.46 9.73
N MET B 155 -13.74 21.56 8.73
CA MET B 155 -13.55 21.90 7.31
C MET B 155 -14.81 22.49 6.72
N GLU B 156 -15.99 21.95 7.08
CA GLU B 156 -17.28 22.49 6.65
C GLU B 156 -17.44 23.93 7.18
N TYR B 157 -17.01 24.21 8.42
CA TYR B 157 -17.08 25.58 8.94
C TYR B 157 -16.20 26.52 8.13
N LEU B 158 -14.93 26.11 7.88
CA LEU B 158 -13.94 26.86 7.11
C LEU B 158 -14.41 27.14 5.69
N ALA B 159 -15.04 26.13 5.05
CA ALA B 159 -15.63 26.24 3.70
C ALA B 159 -16.74 27.32 3.68
N SER B 160 -17.63 27.32 4.71
CA SER B 160 -18.70 28.33 4.83
C SER B 160 -18.11 29.75 4.96
N LYS B 161 -16.88 29.86 5.49
CA LYS B 161 -16.16 31.13 5.66
C LYS B 161 -15.28 31.45 4.45
N LYS B 162 -15.49 30.71 3.33
CA LYS B 162 -14.80 30.87 2.04
C LYS B 162 -13.30 30.66 2.15
N CYS B 163 -12.90 29.67 2.97
CA CYS B 163 -11.52 29.31 3.24
C CYS B 163 -11.16 27.90 2.73
N ILE B 164 -10.04 27.82 1.97
CA ILE B 164 -9.46 26.61 1.38
C ILE B 164 -8.08 26.36 2.08
N HIS B 165 -8.00 25.29 2.91
CA HIS B 165 -6.83 24.89 3.68
C HIS B 165 -5.53 24.68 2.86
N ARG B 166 -5.57 23.89 1.76
CA ARG B 166 -4.45 23.58 0.85
C ARG B 166 -3.40 22.55 1.38
N ASP B 167 -3.50 22.14 2.67
CA ASP B 167 -2.58 21.13 3.24
C ASP B 167 -3.25 20.33 4.39
N LEU B 168 -4.50 19.91 4.17
CA LEU B 168 -5.26 19.13 5.15
C LEU B 168 -4.62 17.76 5.24
N ALA B 169 -4.07 17.45 6.41
CA ALA B 169 -3.36 16.19 6.70
C ALA B 169 -3.45 16.00 8.20
N ALA B 170 -3.16 14.78 8.71
CA ALA B 170 -3.21 14.54 10.15
C ALA B 170 -2.24 15.42 10.90
N ARG B 171 -1.10 15.77 10.27
CA ARG B 171 -0.07 16.65 10.85
C ARG B 171 -0.60 18.05 11.15
N ASN B 172 -1.63 18.52 10.42
CA ASN B 172 -2.22 19.86 10.57
C ASN B 172 -3.59 19.85 11.30
N VAL B 173 -3.78 18.82 12.13
CA VAL B 173 -4.96 18.61 12.96
C VAL B 173 -4.38 18.41 14.33
N LEU B 174 -4.66 19.36 15.23
CA LEU B 174 -4.22 19.30 16.60
C LEU B 174 -5.35 18.62 17.38
N VAL B 175 -4.99 17.86 18.44
CA VAL B 175 -5.89 17.13 19.34
C VAL B 175 -5.73 17.70 20.77
N THR B 176 -6.83 18.22 21.37
CA THR B 176 -6.84 18.84 22.70
C THR B 176 -6.80 17.83 23.86
N GLU B 177 -6.62 18.34 25.13
CA GLU B 177 -6.63 17.52 26.34
C GLU B 177 -7.92 16.67 26.43
N ASP B 178 -9.06 17.23 25.95
CA ASP B 178 -10.38 16.61 25.96
C ASP B 178 -10.71 15.85 24.65
N ASN B 179 -9.65 15.48 23.88
CA ASN B 179 -9.67 14.72 22.62
C ASN B 179 -10.45 15.39 21.48
N VAL B 180 -10.49 16.74 21.49
CA VAL B 180 -11.18 17.53 20.47
C VAL B 180 -10.21 17.80 19.32
N MET B 181 -10.65 17.49 18.11
CA MET B 181 -9.87 17.72 16.91
C MET B 181 -9.97 19.20 16.55
N LYS B 182 -8.85 19.79 16.12
CA LYS B 182 -8.79 21.21 15.73
C LYS B 182 -7.87 21.41 14.52
N ILE B 183 -8.44 21.88 13.41
CA ILE B 183 -7.71 22.23 12.19
C ILE B 183 -6.75 23.38 12.51
N ALA B 184 -5.54 23.25 12.03
CA ALA B 184 -4.48 24.20 12.22
C ALA B 184 -3.97 24.68 10.87
N ASP B 185 -3.56 25.96 10.84
CA ASP B 185 -2.94 26.63 9.69
C ASP B 185 -3.66 26.39 8.41
N PHE B 186 -4.86 26.93 8.40
CA PHE B 186 -5.80 26.85 7.32
C PHE B 186 -5.62 27.99 6.27
N GLY B 187 -4.62 27.79 5.39
CA GLY B 187 -4.27 28.66 4.27
C GLY B 187 -4.14 30.14 4.58
N ASP B 196 7.19 23.52 -3.19
CA ASP B 196 7.95 22.55 -3.96
C ASP B 196 7.49 21.12 -3.68
N TYR B 197 7.33 20.34 -4.77
CA TYR B 197 6.90 18.94 -4.73
C TYR B 197 7.91 18.00 -4.06
N TYR B 198 9.22 18.32 -4.18
CA TYR B 198 10.33 17.53 -3.64
C TYR B 198 10.76 17.98 -2.20
N LYS B 199 9.87 18.72 -1.50
CA LYS B 199 10.11 19.18 -0.14
C LYS B 199 9.41 18.23 0.83
N LYS B 200 10.17 17.59 1.74
CA LYS B 200 9.65 16.61 2.73
C LYS B 200 9.35 17.27 4.09
N THR B 201 8.56 16.58 4.94
CA THR B 201 8.18 17.07 6.28
C THR B 201 9.28 16.76 7.33
N THR B 202 9.01 17.05 8.61
CA THR B 202 9.97 16.76 9.69
C THR B 202 10.06 15.23 9.89
N ASN B 203 8.93 14.52 9.73
CA ASN B 203 8.83 13.06 9.85
C ASN B 203 9.28 12.32 8.57
N GLY B 204 9.67 13.08 7.53
CA GLY B 204 10.16 12.57 6.27
C GLY B 204 9.12 12.10 5.26
N ARG B 205 7.91 12.68 5.33
CA ARG B 205 6.82 12.32 4.39
C ARG B 205 6.66 13.41 3.31
N LEU B 206 6.14 13.03 2.12
CA LEU B 206 5.94 13.96 1.00
C LEU B 206 4.51 14.52 0.93
N PRO B 207 4.32 15.84 1.18
CA PRO B 207 2.97 16.44 1.17
C PRO B 207 2.15 16.29 -0.12
N VAL B 208 2.78 16.01 -1.28
CA VAL B 208 2.10 15.81 -2.58
C VAL B 208 1.15 14.61 -2.55
N LYS B 209 1.41 13.69 -1.62
CA LYS B 209 0.67 12.46 -1.39
C LYS B 209 -0.70 12.70 -0.78
N TRP B 210 -1.02 13.98 -0.48
CA TRP B 210 -2.31 14.38 0.08
C TRP B 210 -3.15 15.22 -0.91
N MET B 211 -2.50 15.81 -1.93
CA MET B 211 -3.18 16.69 -2.90
C MET B 211 -3.95 15.98 -3.98
N ALA B 212 -5.08 16.60 -4.37
CA ALA B 212 -5.98 16.18 -5.43
C ALA B 212 -5.24 16.35 -6.74
N PRO B 213 -5.58 15.56 -7.79
CA PRO B 213 -4.87 15.72 -9.07
C PRO B 213 -5.02 17.10 -9.74
N GLU B 214 -6.18 17.78 -9.63
CA GLU B 214 -6.33 19.08 -10.24
C GLU B 214 -5.40 20.12 -9.62
N ALA B 215 -5.20 20.05 -8.29
CA ALA B 215 -4.29 20.93 -7.52
C ALA B 215 -2.83 20.58 -7.83
N LEU B 216 -2.55 19.30 -8.06
CA LEU B 216 -1.25 18.70 -8.37
C LEU B 216 -0.84 18.70 -9.88
N PHE B 217 -1.75 19.06 -10.81
CA PHE B 217 -1.40 19.12 -12.23
C PHE B 217 -1.83 20.42 -12.91
N ASP B 218 -3.01 20.93 -12.54
CA ASP B 218 -3.57 22.14 -13.13
C ASP B 218 -3.53 23.32 -12.16
N ARG B 219 -3.04 23.03 -10.93
CA ARG B 219 -2.85 23.94 -9.79
C ARG B 219 -4.15 24.57 -9.26
N ILE B 220 -5.30 23.97 -9.63
CA ILE B 220 -6.64 24.41 -9.25
C ILE B 220 -6.93 23.90 -7.85
N TYR B 221 -6.93 24.82 -6.89
CA TYR B 221 -7.21 24.59 -5.49
C TYR B 221 -8.62 25.06 -5.18
N THR B 222 -9.50 24.14 -4.79
CA THR B 222 -10.90 24.39 -4.46
C THR B 222 -11.24 23.67 -3.15
N HIS B 223 -12.52 23.75 -2.72
CA HIS B 223 -13.01 23.09 -1.52
C HIS B 223 -13.04 21.62 -1.80
N GLN B 224 -13.25 21.28 -3.09
CA GLN B 224 -13.26 19.90 -3.57
C GLN B 224 -11.86 19.28 -3.56
N SER B 225 -10.78 20.11 -3.58
CA SER B 225 -9.39 19.63 -3.49
C SER B 225 -9.14 19.21 -2.04
N ASP B 226 -9.78 19.94 -1.10
CA ASP B 226 -9.66 19.68 0.33
C ASP B 226 -10.47 18.46 0.72
N VAL B 227 -11.49 18.12 -0.08
CA VAL B 227 -12.24 16.88 0.09
C VAL B 227 -11.34 15.65 -0.20
N TRP B 228 -10.46 15.73 -1.24
CA TRP B 228 -9.48 14.69 -1.60
C TRP B 228 -8.49 14.47 -0.46
N SER B 229 -7.90 15.57 0.06
CA SER B 229 -6.94 15.56 1.15
C SER B 229 -7.61 14.99 2.41
N PHE B 230 -8.95 15.18 2.54
CA PHE B 230 -9.73 14.59 3.63
C PHE B 230 -9.80 13.06 3.42
N GLY B 231 -9.78 12.64 2.16
CA GLY B 231 -9.79 11.23 1.82
C GLY B 231 -8.50 10.58 2.28
N VAL B 232 -7.35 11.27 2.10
CA VAL B 232 -6.04 10.76 2.51
C VAL B 232 -5.95 10.77 4.04
N LEU B 233 -6.52 11.81 4.68
CA LEU B 233 -6.60 11.96 6.15
C LEU B 233 -7.40 10.78 6.77
N LEU B 234 -8.55 10.41 6.13
CA LEU B 234 -9.38 9.26 6.54
C LEU B 234 -8.53 7.98 6.50
N TRP B 235 -7.77 7.75 5.40
CA TRP B 235 -6.85 6.62 5.29
C TRP B 235 -5.82 6.67 6.48
N GLU B 236 -5.22 7.83 6.72
CA GLU B 236 -4.31 8.08 7.84
C GLU B 236 -4.95 7.62 9.19
N ILE B 237 -6.27 7.99 9.43
CA ILE B 237 -7.03 7.66 10.66
C ILE B 237 -7.24 6.14 10.84
N PHE B 238 -7.76 5.46 9.81
CA PHE B 238 -8.08 4.04 9.90
C PHE B 238 -6.84 3.12 9.79
N THR B 239 -5.65 3.68 9.49
CA THR B 239 -4.36 2.96 9.49
C THR B 239 -3.61 3.34 10.78
N LEU B 240 -4.27 4.13 11.65
CA LEU B 240 -3.75 4.63 12.94
C LEU B 240 -2.43 5.38 12.79
N GLY B 241 -2.40 6.30 11.84
CA GLY B 241 -1.22 7.11 11.52
C GLY B 241 -0.28 6.52 10.48
N GLY B 242 -0.84 5.77 9.53
CA GLY B 242 -0.08 5.13 8.44
C GLY B 242 0.47 6.11 7.44
N SER B 243 1.71 5.83 6.98
CA SER B 243 2.42 6.64 6.00
C SER B 243 1.87 6.34 4.61
N PRO B 244 1.32 7.38 3.92
CA PRO B 244 0.75 7.17 2.58
C PRO B 244 1.83 6.78 1.57
N TYR B 245 1.52 5.82 0.68
CA TYR B 245 2.44 5.35 -0.38
C TYR B 245 3.92 5.29 0.12
N PRO B 246 4.28 4.33 0.98
CA PRO B 246 5.66 4.30 1.50
C PRO B 246 6.67 3.88 0.46
N GLY B 247 7.78 4.63 0.37
CA GLY B 247 8.86 4.40 -0.60
C GLY B 247 8.56 4.83 -2.02
N VAL B 248 7.39 5.48 -2.24
CA VAL B 248 6.96 5.96 -3.56
C VAL B 248 7.48 7.39 -3.82
N PRO B 249 8.39 7.62 -4.81
CA PRO B 249 8.83 9.00 -5.07
C PRO B 249 7.77 9.79 -5.85
N VAL B 250 7.97 11.12 -5.94
CA VAL B 250 7.09 12.10 -6.59
C VAL B 250 6.72 11.73 -8.02
N GLU B 251 7.72 11.57 -8.91
CA GLU B 251 7.50 11.24 -10.31
C GLU B 251 6.65 9.97 -10.45
N GLU B 252 6.85 9.01 -9.52
CA GLU B 252 6.09 7.76 -9.47
C GLU B 252 4.67 7.96 -8.94
N LEU B 253 4.46 8.94 -8.04
CA LEU B 253 3.12 9.23 -7.52
C LEU B 253 2.21 9.78 -8.63
N PHE B 254 2.76 10.67 -9.49
CA PHE B 254 2.07 11.24 -10.65
C PHE B 254 1.59 10.09 -11.55
N LYS B 255 2.48 9.11 -11.81
CA LYS B 255 2.23 7.89 -12.59
C LYS B 255 1.08 7.07 -12.01
N LEU B 256 0.99 6.99 -10.66
CA LEU B 256 -0.08 6.27 -9.97
C LEU B 256 -1.41 7.01 -10.14
N LEU B 257 -1.41 8.33 -9.96
CA LEU B 257 -2.60 9.16 -10.11
C LEU B 257 -3.12 9.18 -11.55
N LYS B 258 -2.20 9.31 -12.53
CA LYS B 258 -2.53 9.31 -13.95
C LYS B 258 -3.11 7.97 -14.35
N GLU B 259 -2.59 6.84 -13.79
CA GLU B 259 -3.11 5.48 -14.00
C GLU B 259 -4.43 5.25 -13.26
N GLY B 260 -4.79 6.21 -12.39
CA GLY B 260 -6.00 6.14 -11.59
C GLY B 260 -5.94 5.12 -10.47
N HIS B 261 -4.73 4.95 -9.90
CA HIS B 261 -4.48 4.05 -8.79
C HIS B 261 -5.03 4.70 -7.53
N ARG B 262 -5.58 3.85 -6.65
CA ARG B 262 -6.17 4.26 -5.39
C ARG B 262 -5.64 3.37 -4.27
N MET B 263 -5.20 3.99 -3.15
CA MET B 263 -4.67 3.28 -2.00
C MET B 263 -5.57 2.14 -1.59
N ASP B 264 -4.94 1.05 -1.16
CA ASP B 264 -5.59 -0.18 -0.73
C ASP B 264 -6.47 0.09 0.51
N LYS B 265 -7.61 -0.62 0.62
CA LYS B 265 -8.51 -0.49 1.77
C LYS B 265 -7.73 -0.87 3.04
N PRO B 266 -7.74 -0.02 4.08
CA PRO B 266 -7.00 -0.39 5.29
C PRO B 266 -7.66 -1.58 5.99
N SER B 267 -6.89 -2.28 6.82
CA SER B 267 -7.42 -3.37 7.62
C SER B 267 -8.17 -2.68 8.76
N ASN B 268 -9.32 -3.24 9.20
CA ASN B 268 -10.15 -2.65 10.27
C ASN B 268 -10.67 -1.27 9.82
N CYS B 269 -11.46 -1.29 8.72
CA CYS B 269 -12.11 -0.17 8.05
C CYS B 269 -13.24 -0.75 7.22
N THR B 270 -14.49 -0.36 7.51
CA THR B 270 -15.72 -0.83 6.83
C THR B 270 -15.71 -0.54 5.33
N ASN B 271 -16.60 -1.20 4.58
CA ASN B 271 -16.72 -0.94 3.16
C ASN B 271 -17.40 0.40 2.89
N GLU B 272 -18.25 0.86 3.82
CA GLU B 272 -18.91 2.17 3.77
C GLU B 272 -17.86 3.28 3.94
N LEU B 273 -16.90 3.09 4.87
CA LEU B 273 -15.83 4.06 5.12
C LEU B 273 -14.78 4.09 4.02
N TYR B 274 -14.55 2.95 3.33
CA TYR B 274 -13.60 2.90 2.23
C TYR B 274 -14.21 3.56 1.01
N MET B 275 -15.53 3.32 0.76
CA MET B 275 -16.27 3.91 -0.34
C MET B 275 -16.32 5.42 -0.15
N MET B 276 -16.36 5.90 1.11
CA MET B 276 -16.31 7.32 1.41
C MET B 276 -14.94 7.89 0.97
N MET B 277 -13.84 7.14 1.22
CA MET B 277 -12.46 7.49 0.82
C MET B 277 -12.39 7.55 -0.70
N ARG B 278 -12.96 6.55 -1.36
CA ARG B 278 -12.99 6.45 -2.80
C ARG B 278 -13.82 7.55 -3.43
N ASP B 279 -14.91 7.99 -2.74
CA ASP B 279 -15.75 9.10 -3.20
C ASP B 279 -14.96 10.41 -3.16
N CYS B 280 -14.20 10.65 -2.08
CA CYS B 280 -13.28 11.78 -1.89
C CYS B 280 -12.18 11.73 -2.97
N TRP B 281 -11.76 10.50 -3.35
CA TRP B 281 -10.78 10.23 -4.40
C TRP B 281 -11.39 10.09 -5.83
N HIS B 282 -12.51 10.78 -6.12
CA HIS B 282 -13.10 10.76 -7.47
C HIS B 282 -12.28 11.65 -8.38
N ALA B 283 -11.95 11.14 -9.58
CA ALA B 283 -11.16 11.86 -10.59
C ALA B 283 -11.80 13.20 -10.97
N VAL B 284 -13.14 13.21 -11.14
CA VAL B 284 -13.94 14.39 -11.45
C VAL B 284 -14.25 15.14 -10.14
N PRO B 285 -13.65 16.35 -9.93
CA PRO B 285 -13.92 17.11 -8.68
C PRO B 285 -15.37 17.35 -8.30
N SER B 286 -16.27 17.59 -9.29
CA SER B 286 -17.70 17.85 -9.08
C SER B 286 -18.46 16.61 -8.56
N GLN B 287 -17.91 15.40 -8.77
CA GLN B 287 -18.49 14.12 -8.36
C GLN B 287 -18.04 13.66 -6.93
N ARG B 288 -17.17 14.44 -6.30
CA ARG B 288 -16.70 14.18 -4.94
C ARG B 288 -17.77 14.68 -3.94
N PRO B 289 -17.87 14.11 -2.71
CA PRO B 289 -18.85 14.66 -1.76
C PRO B 289 -18.38 16.01 -1.25
N THR B 290 -19.30 16.85 -0.77
CA THR B 290 -18.87 18.14 -0.20
C THR B 290 -18.63 17.91 1.28
N PHE B 291 -18.10 18.90 2.01
CA PHE B 291 -17.91 18.71 3.46
C PHE B 291 -19.26 18.62 4.20
N LYS B 292 -20.30 19.39 3.75
CA LYS B 292 -21.68 19.31 4.30
C LYS B 292 -22.23 17.87 4.21
N GLN B 293 -21.99 17.16 3.08
CA GLN B 293 -22.40 15.76 2.86
C GLN B 293 -21.62 14.81 3.76
N LEU B 294 -20.30 15.02 3.84
CA LEU B 294 -19.40 14.25 4.69
C LEU B 294 -19.80 14.35 6.17
N VAL B 295 -20.12 15.57 6.65
CA VAL B 295 -20.61 15.81 8.02
C VAL B 295 -21.92 15.02 8.26
N GLU B 296 -22.87 15.07 7.30
CA GLU B 296 -24.15 14.35 7.36
C GLU B 296 -23.98 12.83 7.47
N ASP B 297 -23.15 12.24 6.58
CA ASP B 297 -22.86 10.80 6.56
C ASP B 297 -22.09 10.36 7.78
N LEU B 298 -21.06 11.14 8.19
CA LEU B 298 -20.26 10.76 9.36
C LEU B 298 -21.10 10.77 10.63
N ASP B 299 -21.97 11.81 10.80
CA ASP B 299 -22.90 11.95 11.92
C ASP B 299 -23.74 10.67 12.11
N ARG B 300 -24.22 10.11 10.99
CA ARG B 300 -25.03 8.90 10.91
C ARG B 300 -24.21 7.65 11.25
N ILE B 301 -22.96 7.56 10.74
CA ILE B 301 -22.06 6.42 10.93
C ILE B 301 -21.57 6.35 12.38
N VAL B 302 -21.17 7.48 13.02
CA VAL B 302 -20.74 7.56 14.43
C VAL B 302 -21.81 6.89 15.35
N ALA B 303 -23.10 7.31 15.15
CA ALA B 303 -24.31 6.82 15.83
C ALA B 303 -24.55 5.30 15.65
N LEU B 304 -24.16 4.74 14.48
CA LEU B 304 -24.30 3.32 14.15
C LEU B 304 -23.03 2.51 14.42
N THR B 305 -21.92 3.18 14.83
CA THR B 305 -20.65 2.49 15.13
C THR B 305 -20.57 2.19 16.62
N SER B 306 -20.34 0.90 16.95
CA SER B 306 -20.22 0.39 18.31
C SER B 306 -18.93 0.91 18.98
N ASN B 307 -19.01 1.19 20.29
CA ASN B 307 -17.86 1.60 21.11
C ASN B 307 -17.34 0.38 21.89
N GLN B 308 -17.96 -0.82 21.67
CA GLN B 308 -17.60 -2.09 22.29
C GLN B 308 -16.31 -2.71 21.70
N GLU B 309 -15.92 -2.23 20.49
CA GLU B 309 -14.71 -2.64 19.75
C GLU B 309 -14.38 -1.57 18.68
C1 EDO C . 8.64 -7.81 1.11
O1 EDO C . 9.19 -6.56 1.50
C2 EDO C . 7.94 -8.46 2.36
O2 EDO C . 7.20 -7.50 3.13
C1 EDO D . 11.66 -27.21 3.45
O1 EDO D . 11.12 -25.88 3.41
C2 EDO D . 10.54 -28.29 3.39
O2 EDO D . 9.81 -28.34 4.61
C1 EDO E . 18.17 -30.80 1.79
O1 EDO E . 17.72 -29.65 1.12
C2 EDO E . 19.69 -30.93 1.55
O2 EDO E . 20.01 -30.83 0.16
C1 EDO F . -2.46 -3.69 -8.70
O1 EDO F . -1.97 -2.36 -8.53
C2 EDO F . -3.98 -3.78 -8.33
O2 EDO F . -4.16 -3.89 -6.92
S SO4 G . 7.35 -40.54 -10.62
O1 SO4 G . 6.13 -41.08 -11.22
O2 SO4 G . 6.97 -39.66 -9.50
O3 SO4 G . 8.14 -41.65 -10.10
O4 SO4 G . 8.13 -39.83 -11.64
S SO4 H . 3.77 -10.27 -13.33
O1 SO4 H . 3.81 -10.76 -14.71
O2 SO4 H . 2.95 -9.07 -13.25
O3 SO4 H . 3.18 -11.25 -12.43
O4 SO4 H . 5.11 -9.93 -12.87
C21 2K5 I . 8.58 -26.61 -15.24
O2 2K5 I . 7.30 -26.22 -15.77
C16 2K5 I . 7.17 -25.97 -17.11
C15 2K5 I . 6.11 -25.11 -17.48
C17 2K5 I . 8.00 -26.56 -18.10
C18 2K5 I . 7.75 -26.27 -19.45
O1 2K5 I . 8.50 -26.79 -20.50
C20 2K5 I . 9.82 -27.27 -20.26
C19 2K5 I . 6.72 -25.40 -19.83
C14 2K5 I . 5.90 -24.81 -18.84
C13 2K5 I . 4.74 -23.93 -19.27
C12 2K5 I . 3.76 -24.81 -20.12
C11 2K5 I . 2.34 -24.47 -19.94
C10 2K5 I . 1.63 -23.38 -20.48
N5 2K5 I . 1.53 -25.22 -19.19
N6 2K5 I . 0.33 -24.59 -19.23
C9 2K5 I . 0.35 -23.50 -20.00
N4 2K5 I . -0.74 -22.64 -20.19
C8 2K5 I . -0.77 -21.27 -20.45
C7 2K5 I . -1.88 -20.47 -20.20
C6 2K5 I . -1.74 -19.12 -20.50
N2 2K5 I . -0.60 -18.55 -21.02
N3 2K5 I . 0.42 -20.73 -20.96
C5 2K5 I . 0.43 -19.40 -21.21
N1 2K5 I . 1.56 -18.87 -21.70
C4 2K5 I . 2.82 -19.60 -21.91
C3 2K5 I . 3.57 -19.85 -20.65
C2 2K5 I . 3.19 -19.91 -19.37
O 2K5 I . 4.91 -20.09 -20.74
N 2K5 I . 5.39 -20.30 -19.43
C1 2K5 I . 4.37 -20.19 -18.65
C 2K5 I . 4.52 -20.34 -17.17
S SO4 J . 3.87 13.66 8.62
O1 SO4 J . 4.33 12.31 8.89
O2 SO4 J . 2.41 13.66 8.56
O3 SO4 J . 4.39 14.55 9.66
O4 SO4 J . 4.40 14.09 7.33
C21 2K5 K . -4.64 28.86 11.92
O2 2K5 K . -4.33 27.98 13.02
C16 2K5 K . -3.28 28.27 13.86
C15 2K5 K . -2.75 27.18 14.58
C17 2K5 K . -2.76 29.57 14.02
C18 2K5 K . -1.71 29.79 14.91
O1 2K5 K . -1.18 31.07 15.14
C20 2K5 K . -1.25 32.05 14.11
C19 2K5 K . -1.15 28.71 15.65
C14 2K5 K . -1.68 27.39 15.46
C13 2K5 K . -1.14 26.18 16.19
C12 2K5 K . -0.71 26.56 17.60
C11 2K5 K . -0.79 25.46 18.55
C10 2K5 K . 0.17 24.48 18.86
N5 2K5 K . -1.87 25.30 19.32
N6 2K5 K . -1.58 24.23 20.09
C9 2K5 K . -0.38 23.70 19.85
N4 2K5 K . 0.10 22.54 20.49
C8 2K5 K . 1.19 21.71 20.18
C7 2K5 K . 1.45 20.50 20.86
C6 2K5 K . 2.60 19.78 20.45
N2 2K5 K . 3.42 20.21 19.45
N3 2K5 K . 2.02 22.14 19.15
C5 2K5 K . 3.08 21.36 18.85
N1 2K5 K . 3.87 21.81 17.88
C4 2K5 K . 3.77 23.16 17.30
C3 2K5 K . 2.82 23.19 16.16
C2 2K5 K . 2.20 22.21 15.46
O 2K5 K . 2.47 24.41 15.64
N 2K5 K . 1.58 24.17 14.58
C1 2K5 K . 1.45 22.87 14.49
C 2K5 K . 0.54 22.27 13.43
#